data_6TT0
#
_entry.id   6TT0
#
_cell.length_a   111.420
_cell.length_b   111.420
_cell.length_c   137.370
_cell.angle_alpha   90.000
_cell.angle_beta   90.000
_cell.angle_gamma   120.000
#
_symmetry.space_group_name_H-M   'P 31 2 1'
#
loop_
_entity.id
_entity.type
_entity.pdbx_description
1 polymer Acetylcholinesterase
2 non-polymer (1~{R},3~{S})-~{N}-(6,7-dimethoxy-2-oxidanylidene-chromen-3-yl)-3-[(phenylmethyl)amino]cyclohexane-1-carboxamide
3 non-polymer 2-acetamido-2-deoxy-beta-D-glucopyranose
4 water water
#
_entity_poly.entity_id   1
_entity_poly.type   'polypeptide(L)'
_entity_poly.pdbx_seq_one_letter_code
;SELLVNTKSGKVMGTRVPVLSSHISAFLGIPFAEPPVGNMRFRRPEPKKPWSGVWNASTYPNNCQQYVDEQFPGFSGSEM
WNPNREMSEDCLYLNIWVPSPRPKSTTVMVWIYGGGFYSGSSTLDVYNGKYLAYTEEVVLVSLSYRVGAFGFLALHGSQE
APGNVGLLDQRMALQWVHDNIQFFGGDPKTVTIFGESAGGASVGMHILSPGSRDLFRRAILQSGSPNCPWASVSVAEGRR
RAVELGRNLNCNLNSDEELIHCLREKKPQELIDVEWNVLPFDSIFRFSFVPVIDGEFFPTSLESMLNSGNFKKTQILLGV
NKDEGSFFLLYGAPGFSKDSESKISREDFMSGVKLSVPHANDLGLDAVTLQYTDWMDDNNGIKNRDGLDDIVGDHNVICP
LMHFVNKYTKFGNGTYLYFFNHRASNLVWPEWMGVIHGYEIEFVFGLPLVKELNYTAEEEALSRRIMHYWATFAKTGNPN
EPHSQESKWPLFTTKEQKFIDLNTEPMKVHQRLRVQMCVFWNQFLPKLLNATETIDEAERQWKTEFHRWSSYMMHWKNQF
DHYSRHESCAEL
;
_entity_poly.pdbx_strand_id   A
#
loop_
_chem_comp.id
_chem_comp.type
_chem_comp.name
_chem_comp.formula
N9T non-polymer (1~{R},3~{S})-~{N}-(6,7-dimethoxy-2-oxidanylidene-chromen-3-yl)-3-[(phenylmethyl)amino]cyclohexane-1-carboxamide 'C25 H28 N2 O5'
NAG D-saccharide, beta linking 2-acetamido-2-deoxy-beta-D-glucopyranose 'C8 H15 N O6'
#
# COMPACT_ATOMS: atom_id res chain seq x y z
N SER A 1 -2.57 31.05 -17.68
CA SER A 1 -2.98 29.91 -18.47
C SER A 1 -3.43 28.78 -17.58
N GLU A 2 -4.16 27.84 -18.14
CA GLU A 2 -4.67 26.70 -17.40
C GLU A 2 -3.55 25.93 -16.85
N LEU A 3 -2.51 25.76 -17.62
CA LEU A 3 -1.40 24.95 -17.19
C LEU A 3 -0.36 25.68 -16.43
N LEU A 4 -0.73 26.78 -15.84
CA LEU A 4 0.24 27.54 -15.06
C LEU A 4 -0.38 27.84 -13.71
N VAL A 5 0.32 27.52 -12.62
CA VAL A 5 -0.25 27.60 -11.28
C VAL A 5 0.77 28.21 -10.32
N ASN A 6 0.31 29.20 -9.58
CA ASN A 6 1.16 29.96 -8.67
C ASN A 6 1.03 29.35 -7.28
N THR A 7 1.95 28.46 -6.94
CA THR A 7 1.92 27.84 -5.62
C THR A 7 2.78 28.63 -4.66
N LYS A 8 2.63 28.30 -3.37
CA LYS A 8 3.40 28.96 -2.32
C LYS A 8 4.88 28.62 -2.40
N SER A 9 5.26 27.58 -3.15
CA SER A 9 6.67 27.25 -3.35
C SER A 9 7.22 27.81 -4.65
N GLY A 10 6.37 28.34 -5.51
CA GLY A 10 6.77 28.93 -6.77
C GLY A 10 5.79 28.56 -7.87
N LYS A 11 5.93 29.16 -9.04
CA LYS A 11 5.08 28.77 -10.16
C LYS A 11 5.50 27.39 -10.69
N VAL A 12 4.53 26.67 -11.25
CA VAL A 12 4.80 25.41 -11.95
C VAL A 12 3.98 25.39 -13.23
N MET A 13 4.56 24.80 -14.28
CA MET A 13 3.95 24.73 -15.61
C MET A 13 3.74 23.26 -15.95
N GLY A 14 2.48 22.85 -15.99
CA GLY A 14 2.10 21.51 -16.35
C GLY A 14 1.93 21.35 -17.84
N THR A 15 1.20 20.29 -18.21
CA THR A 15 0.99 19.95 -19.61
C THR A 15 -0.43 19.44 -19.79
N ARG A 16 -0.92 19.54 -21.03
CA ARG A 16 -2.24 19.07 -21.38
C ARG A 16 -2.13 17.62 -21.87
N VAL A 17 -2.89 16.73 -21.26
CA VAL A 17 -2.81 15.32 -21.59
C VAL A 17 -4.17 14.82 -22.09
N PRO A 18 -4.20 13.93 -23.08
CA PRO A 18 -5.48 13.38 -23.52
C PRO A 18 -5.91 12.21 -22.65
N VAL A 19 -7.21 12.00 -22.58
CA VAL A 19 -7.76 10.91 -21.79
C VAL A 19 -9.15 10.58 -22.30
N LEU A 20 -9.27 9.44 -23.00
CA LEU A 20 -10.54 8.97 -23.56
C LEU A 20 -11.18 10.05 -24.43
N SER A 21 -10.49 10.37 -25.53
CA SER A 21 -10.97 11.29 -26.57
C SER A 21 -11.30 12.70 -26.07
N SER A 22 -10.90 13.04 -24.84
CA SER A 22 -10.96 14.41 -24.33
C SER A 22 -9.61 14.81 -23.77
N HIS A 23 -9.52 15.88 -22.99
CA HIS A 23 -8.23 16.32 -22.46
C HIS A 23 -8.40 16.85 -21.04
N ILE A 24 -7.35 16.67 -20.22
CA ILE A 24 -7.23 17.37 -18.94
C ILE A 24 -5.79 17.78 -18.69
N SER A 25 -5.50 18.27 -17.49
CA SER A 25 -4.22 18.87 -17.16
C SER A 25 -3.44 17.99 -16.20
N ALA A 26 -2.11 18.10 -16.25
CA ALA A 26 -1.27 17.29 -15.40
C ALA A 26 -0.05 18.10 -14.98
N PHE A 27 0.31 17.97 -13.70
CA PHE A 27 1.48 18.62 -13.12
C PHE A 27 2.31 17.50 -12.52
N LEU A 28 3.33 17.08 -13.22
CA LEU A 28 4.08 15.89 -12.89
C LEU A 28 5.43 16.27 -12.28
N GLY A 29 5.86 15.48 -11.30
CA GLY A 29 7.19 15.68 -10.73
C GLY A 29 7.38 17.03 -10.07
N ILE A 30 6.39 17.49 -9.32
CA ILE A 30 6.55 18.69 -8.49
C ILE A 30 7.29 18.31 -7.21
N PRO A 31 8.37 19.02 -6.84
CA PRO A 31 9.06 18.71 -5.59
C PRO A 31 8.26 19.15 -4.38
N PHE A 32 8.36 18.36 -3.31
CA PHE A 32 7.80 18.72 -2.03
C PHE A 32 8.83 18.60 -0.91
N ALA A 33 10.02 18.11 -1.22
CA ALA A 33 11.08 18.02 -0.23
C ALA A 33 12.40 18.37 -0.88
N GLU A 34 13.37 18.72 -0.04
CA GLU A 34 14.75 18.81 -0.51
C GLU A 34 15.24 17.41 -0.88
N PRO A 35 15.97 17.26 -1.98
CA PRO A 35 16.56 15.96 -2.34
C PRO A 35 17.36 15.39 -1.19
N PRO A 36 16.99 14.20 -0.70
CA PRO A 36 17.62 13.59 0.50
C PRO A 36 18.86 12.77 0.16
N VAL A 37 19.89 13.49 -0.26
CA VAL A 37 21.12 12.88 -0.74
C VAL A 37 22.26 13.22 0.22
N GLY A 38 23.43 12.65 -0.05
CA GLY A 38 24.62 12.86 0.75
C GLY A 38 24.40 12.70 2.24
N ASN A 39 24.71 13.77 2.99
CA ASN A 39 24.49 13.75 4.43
C ASN A 39 23.03 13.64 4.82
N MET A 40 22.10 13.85 3.87
CA MET A 40 20.70 13.77 4.19
C MET A 40 20.11 12.37 4.04
N ARG A 41 20.87 11.46 3.48
CA ARG A 41 20.40 10.12 3.32
C ARG A 41 20.15 9.60 4.69
N PHE A 42 18.99 8.99 4.87
CA PHE A 42 18.55 8.40 6.12
C PHE A 42 17.99 9.43 7.05
N ARG A 43 18.04 10.68 6.67
CA ARG A 43 17.56 11.74 7.53
C ARG A 43 16.15 12.13 7.29
N ARG A 44 15.54 12.76 8.28
CA ARG A 44 14.18 13.18 8.15
C ARG A 44 14.14 14.12 6.99
N PRO A 45 13.03 14.22 6.33
CA PRO A 45 12.94 15.06 5.14
C PRO A 45 12.79 16.54 5.50
N GLU A 46 13.42 17.37 4.67
CA GLU A 46 13.30 18.82 4.79
C GLU A 46 12.42 19.38 3.67
N PRO A 47 11.77 20.52 3.88
CA PRO A 47 10.84 21.03 2.88
C PRO A 47 11.56 21.75 1.74
N LYS A 48 11.03 21.58 0.53
CA LYS A 48 11.67 22.16 -0.64
C LYS A 48 11.82 23.67 -0.52
N LYS A 49 13.07 24.16 -0.53
CA LYS A 49 13.31 25.58 -0.67
C LYS A 49 12.52 26.11 -1.86
N PRO A 50 11.79 27.21 -1.71
CA PRO A 50 10.99 27.73 -2.83
C PRO A 50 11.90 28.29 -3.91
N TRP A 51 11.39 28.28 -5.13
CA TRP A 51 12.22 28.51 -6.30
C TRP A 51 11.75 29.74 -7.07
N SER A 52 12.70 30.38 -7.74
CA SER A 52 12.40 31.49 -8.64
C SER A 52 12.28 30.95 -10.06
N GLY A 53 11.36 31.51 -10.81
CA GLY A 53 11.11 31.03 -12.14
C GLY A 53 9.96 30.05 -12.14
N VAL A 54 9.95 29.21 -13.16
CA VAL A 54 8.85 28.27 -13.39
C VAL A 54 9.41 26.85 -13.51
N TRP A 55 8.76 25.91 -12.82
CA TRP A 55 9.17 24.52 -12.82
C TRP A 55 8.56 23.82 -14.03
N ASN A 56 9.40 23.12 -14.81
CA ASN A 56 8.95 22.39 -16.00
C ASN A 56 8.32 21.09 -15.53
N ALA A 57 7.09 21.20 -15.04
CA ALA A 57 6.40 20.07 -14.43
C ALA A 57 5.54 19.33 -15.44
N SER A 58 6.16 18.96 -16.57
CA SER A 58 5.46 18.30 -17.67
C SER A 58 5.85 16.85 -17.86
N THR A 59 6.97 16.39 -17.30
CA THR A 59 7.38 15.00 -17.40
C THR A 59 7.47 14.35 -16.02
N TYR A 60 7.24 13.03 -16.01
CA TYR A 60 7.32 12.23 -14.80
C TYR A 60 8.70 12.36 -14.15
N PRO A 61 8.80 12.19 -12.84
CA PRO A 61 10.10 12.29 -12.16
C PRO A 61 10.78 10.95 -11.96
N ASN A 62 12.05 10.98 -11.54
CA ASN A 62 12.76 9.77 -11.16
C ASN A 62 11.97 8.99 -10.11
N ASN A 63 12.29 7.71 -10.01
CA ASN A 63 11.66 6.83 -9.07
C ASN A 63 12.68 6.72 -8.02
N CYS A 64 12.31 6.31 -6.83
CA CYS A 64 13.26 6.24 -5.75
C CYS A 64 13.99 4.93 -5.82
N GLN A 65 15.22 4.87 -5.34
CA GLN A 65 16.07 3.69 -5.39
C GLN A 65 15.49 2.50 -4.72
N GLN A 66 15.38 1.38 -5.44
CA GLN A 66 14.72 0.20 -4.92
C GLN A 66 15.27 -1.07 -5.54
N TYR A 67 14.85 -2.20 -4.96
CA TYR A 67 15.10 -3.50 -5.57
C TYR A 67 14.16 -3.70 -6.75
N VAL A 68 14.68 -4.25 -7.84
CA VAL A 68 13.90 -4.45 -9.05
C VAL A 68 13.65 -5.94 -9.23
N ASP A 69 12.40 -6.28 -9.50
CA ASP A 69 12.00 -7.66 -9.67
C ASP A 69 12.48 -8.19 -11.02
N GLU A 70 13.22 -9.30 -11.00
CA GLU A 70 13.65 -9.95 -12.23
C GLU A 70 13.38 -11.44 -12.19
N GLN A 71 12.35 -11.85 -11.46
CA GLN A 71 12.01 -13.27 -11.46
C GLN A 71 11.48 -13.71 -12.83
N PHE A 72 10.84 -12.80 -13.58
CA PHE A 72 10.23 -13.13 -14.87
C PHE A 72 10.57 -12.06 -15.91
N PRO A 73 11.83 -12.03 -16.37
CA PRO A 73 12.28 -10.97 -17.29
C PRO A 73 11.44 -10.89 -18.55
N GLY A 74 10.94 -9.69 -18.82
CA GLY A 74 10.12 -9.41 -19.97
C GLY A 74 8.63 -9.58 -19.73
N PHE A 75 8.26 -10.33 -18.71
CA PHE A 75 6.85 -10.61 -18.45
C PHE A 75 6.16 -9.35 -17.96
N SER A 76 5.10 -8.92 -18.65
CA SER A 76 4.46 -7.67 -18.28
C SER A 76 3.84 -7.74 -16.89
N GLY A 77 3.26 -8.89 -16.55
CA GLY A 77 2.65 -9.05 -15.23
C GLY A 77 3.58 -8.72 -14.08
N SER A 78 4.88 -8.85 -14.27
CA SER A 78 5.83 -8.49 -13.24
C SER A 78 6.51 -7.15 -13.49
N GLU A 79 6.62 -6.75 -14.76
CA GLU A 79 7.30 -5.53 -15.16
C GLU A 79 6.46 -4.29 -14.87
N MET A 80 5.14 -4.41 -14.90
CA MET A 80 4.29 -3.26 -14.66
C MET A 80 4.44 -2.72 -13.24
N TRP A 81 5.11 -3.45 -12.36
CA TRP A 81 5.36 -2.98 -11.02
C TRP A 81 6.75 -2.42 -10.82
N ASN A 82 7.68 -2.68 -11.74
CA ASN A 82 9.03 -2.17 -11.63
C ASN A 82 9.10 -0.69 -12.03
N PRO A 83 10.14 0.01 -11.58
CA PRO A 83 10.38 1.39 -12.03
C PRO A 83 10.38 1.52 -13.55
N ASN A 84 9.62 2.49 -14.05
CA ASN A 84 9.60 2.82 -15.47
C ASN A 84 10.35 4.12 -15.77
N ARG A 85 11.05 4.67 -14.79
CA ARG A 85 11.92 5.84 -14.96
C ARG A 85 13.20 5.59 -14.20
N GLU A 86 14.26 6.32 -14.55
CA GLU A 86 15.54 6.03 -13.93
C GLU A 86 15.48 6.32 -12.43
N MET A 87 16.24 5.55 -11.67
CA MET A 87 16.19 5.61 -10.23
C MET A 87 17.19 6.63 -9.73
N SER A 88 16.77 7.45 -8.78
CA SER A 88 17.63 8.44 -8.15
C SER A 88 17.26 8.50 -6.69
N GLU A 89 18.22 8.85 -5.87
CA GLU A 89 17.94 9.05 -4.50
C GLU A 89 17.06 10.28 -4.39
N ASP A 90 17.03 11.05 -5.45
CA ASP A 90 16.23 12.23 -5.50
C ASP A 90 14.88 11.86 -6.03
N CYS A 91 14.09 11.19 -5.22
CA CYS A 91 12.78 10.77 -5.67
C CYS A 91 11.62 11.55 -5.15
N LEU A 92 11.82 12.42 -4.20
CA LEU A 92 10.74 13.16 -3.58
C LEU A 92 9.93 14.14 -4.39
N TYR A 93 8.98 13.63 -5.14
CA TYR A 93 8.15 14.43 -6.01
C TYR A 93 6.70 13.96 -5.90
N LEU A 94 5.79 14.71 -6.53
CA LEU A 94 4.39 14.32 -6.56
C LEU A 94 3.76 14.80 -7.86
N ASN A 95 2.61 14.23 -8.19
CA ASN A 95 1.98 14.44 -9.49
C ASN A 95 0.51 14.74 -9.29
N ILE A 96 0.02 15.75 -9.99
CA ILE A 96 -1.35 16.21 -9.87
C ILE A 96 -2.03 16.12 -11.23
N TRP A 97 -3.15 15.42 -11.28
CA TRP A 97 -4.06 15.48 -12.42
C TRP A 97 -5.22 16.40 -12.07
N VAL A 98 -5.45 17.42 -12.89
CA VAL A 98 -6.47 18.43 -12.65
C VAL A 98 -7.49 18.37 -13.78
N PRO A 99 -8.76 18.38 -13.50
CA PRO A 99 -9.71 18.36 -14.59
C PRO A 99 -9.63 19.67 -15.32
N SER A 100 -10.36 19.77 -16.41
CA SER A 100 -10.35 20.99 -17.17
C SER A 100 -11.75 21.20 -17.65
N PRO A 101 -12.38 22.41 -17.41
CA PRO A 101 -11.61 23.47 -16.74
C PRO A 101 -11.30 23.27 -15.28
N ARG A 102 -10.35 24.03 -14.80
CA ARG A 102 -9.91 23.97 -13.44
C ARG A 102 -11.05 24.26 -12.55
N PRO A 103 -11.47 23.21 -11.74
CA PRO A 103 -12.61 23.54 -10.88
C PRO A 103 -12.22 24.49 -9.77
N LYS A 104 -13.13 24.88 -8.89
CA LYS A 104 -12.71 25.80 -7.84
C LYS A 104 -12.55 25.15 -6.47
N SER A 105 -13.44 24.20 -6.10
CA SER A 105 -13.18 23.44 -4.87
C SER A 105 -13.87 22.07 -4.95
N THR A 106 -13.26 21.17 -5.73
CA THR A 106 -13.67 19.77 -5.79
C THR A 106 -12.89 18.92 -4.78
N THR A 107 -13.36 17.68 -4.64
CA THR A 107 -12.70 16.69 -3.81
C THR A 107 -11.27 16.38 -4.30
N VAL A 108 -10.36 16.13 -3.35
CA VAL A 108 -8.96 15.80 -3.61
C VAL A 108 -8.69 14.38 -3.13
N MET A 109 -8.07 13.56 -3.98
CA MET A 109 -7.64 12.20 -3.61
C MET A 109 -6.14 12.07 -3.76
N VAL A 110 -5.46 11.73 -2.67
CA VAL A 110 -4.02 11.50 -2.66
C VAL A 110 -3.75 9.98 -2.66
N TRP A 111 -2.99 9.51 -3.64
CA TRP A 111 -2.64 8.10 -3.77
C TRP A 111 -1.28 7.80 -3.13
N ILE A 112 -1.24 6.71 -2.37
CA ILE A 112 -0.01 6.25 -1.71
C ILE A 112 0.30 4.83 -2.20
N TYR A 113 1.35 4.70 -3.00
CA TYR A 113 1.67 3.41 -3.58
C TYR A 113 2.19 2.44 -2.52
N GLY A 114 2.15 1.14 -2.88
CA GLY A 114 2.62 0.07 -2.05
C GLY A 114 3.86 -0.60 -2.61
N GLY A 115 4.06 -1.87 -2.22
CA GLY A 115 5.29 -2.58 -2.55
C GLY A 115 6.16 -2.90 -1.34
N GLY A 116 5.55 -3.23 -0.23
CA GLY A 116 6.28 -3.63 0.95
C GLY A 116 7.27 -2.70 1.55
N PHE A 117 7.15 -1.43 1.27
CA PHE A 117 8.03 -0.44 1.84
C PHE A 117 9.41 -0.55 1.27
N TYR A 118 9.62 -1.53 0.41
CA TYR A 118 10.91 -1.70 -0.22
C TYR A 118 10.88 -1.36 -1.67
N SER A 119 9.72 -1.02 -2.18
CA SER A 119 9.63 -0.71 -3.60
C SER A 119 8.33 0.03 -3.88
N GLY A 120 8.30 0.69 -5.02
CA GLY A 120 7.12 1.40 -5.49
C GLY A 120 7.49 2.63 -6.30
N SER A 121 6.55 3.05 -7.15
CA SER A 121 6.77 4.19 -8.02
C SER A 121 5.44 4.89 -8.23
N SER A 122 5.43 6.21 -8.10
CA SER A 122 4.21 6.97 -8.38
C SER A 122 3.89 7.00 -9.86
N THR A 123 4.81 6.51 -10.70
CA THR A 123 4.79 6.75 -12.13
C THR A 123 4.29 5.55 -12.94
N LEU A 124 3.80 4.50 -12.28
CA LEU A 124 3.40 3.31 -13.02
C LEU A 124 2.17 3.60 -13.88
N ASP A 125 2.05 2.86 -14.98
CA ASP A 125 0.90 3.03 -15.84
C ASP A 125 -0.40 2.70 -15.12
N VAL A 126 -0.35 1.83 -14.10
CA VAL A 126 -1.55 1.45 -13.37
C VAL A 126 -1.95 2.50 -12.34
N TYR A 127 -1.12 3.53 -12.13
CA TYR A 127 -1.40 4.58 -11.18
C TYR A 127 -1.78 5.90 -11.86
N ASN A 128 -2.20 5.84 -13.13
CA ASN A 128 -2.40 7.06 -13.90
C ASN A 128 -3.64 7.80 -13.43
N GLY A 129 -3.44 8.99 -12.89
CA GLY A 129 -4.56 9.72 -12.32
C GLY A 129 -5.59 10.17 -13.34
N LYS A 130 -5.26 10.16 -14.63
CA LYS A 130 -6.06 10.91 -15.60
C LYS A 130 -7.45 10.30 -15.76
N TYR A 131 -7.56 8.98 -15.82
CA TYR A 131 -8.87 8.38 -16.01
C TYR A 131 -9.78 8.66 -14.82
N LEU A 132 -9.20 8.67 -13.62
CA LEU A 132 -10.02 8.91 -12.44
C LEU A 132 -10.36 10.41 -12.30
N ALA A 133 -9.35 11.27 -12.42
CA ALA A 133 -9.60 12.71 -12.33
C ALA A 133 -10.64 13.15 -13.34
N TYR A 134 -10.57 12.61 -14.55
CA TYR A 134 -11.49 13.03 -15.60
C TYR A 134 -12.88 12.46 -15.38
N THR A 135 -12.97 11.15 -15.10
CA THR A 135 -14.29 10.53 -15.02
C THR A 135 -15.12 11.08 -13.87
N GLU A 136 -14.47 11.36 -12.74
CA GLU A 136 -15.16 11.70 -11.50
C GLU A 136 -14.99 13.14 -11.04
N GLU A 137 -14.28 13.98 -11.81
CA GLU A 137 -14.11 15.41 -11.52
C GLU A 137 -13.27 15.66 -10.28
N VAL A 138 -12.51 14.68 -9.85
CA VAL A 138 -11.68 14.86 -8.66
C VAL A 138 -10.30 15.34 -9.09
N VAL A 139 -9.57 15.90 -8.14
CA VAL A 139 -8.16 16.22 -8.31
C VAL A 139 -7.36 15.06 -7.75
N LEU A 140 -6.67 14.32 -8.63
CA LEU A 140 -5.90 13.14 -8.26
C LEU A 140 -4.45 13.52 -7.99
N VAL A 141 -3.94 13.16 -6.82
CA VAL A 141 -2.55 13.40 -6.46
C VAL A 141 -1.87 12.07 -6.12
N SER A 142 -0.65 11.89 -6.59
CA SER A 142 0.12 10.71 -6.18
C SER A 142 1.48 11.19 -5.67
N LEU A 143 1.81 10.77 -4.46
CA LEU A 143 3.10 11.10 -3.89
C LEU A 143 4.09 9.97 -4.12
N SER A 144 5.32 10.20 -3.71
CA SER A 144 6.35 9.19 -3.67
C SER A 144 7.03 9.29 -2.31
N TYR A 145 7.72 8.24 -1.91
CA TYR A 145 8.42 8.26 -0.63
C TYR A 145 9.60 7.29 -0.69
N ARG A 146 10.59 7.56 0.14
CA ARG A 146 11.78 6.74 0.16
C ARG A 146 11.45 5.34 0.66
N VAL A 147 11.84 4.33 -0.11
CA VAL A 147 11.58 2.93 0.22
C VAL A 147 12.88 2.28 0.64
N GLY A 148 12.76 1.07 1.16
CA GLY A 148 13.96 0.29 1.38
C GLY A 148 14.71 0.73 2.61
N ALA A 149 16.03 0.61 2.56
CA ALA A 149 16.84 1.13 3.65
C ALA A 149 16.85 2.64 3.66
N PHE A 150 16.69 3.25 2.48
CA PHE A 150 16.74 4.70 2.34
C PHE A 150 15.58 5.38 3.07
N GLY A 151 14.47 4.69 3.25
CA GLY A 151 13.33 5.24 3.93
C GLY A 151 13.03 4.64 5.29
N PHE A 152 13.65 3.51 5.66
CA PHE A 152 13.22 2.90 6.91
C PHE A 152 14.35 2.27 7.73
N LEU A 153 15.61 2.63 7.49
CA LEU A 153 16.68 2.21 8.39
C LEU A 153 16.44 2.80 9.78
N ALA A 154 16.59 1.99 10.84
CA ALA A 154 16.06 2.40 12.17
C ALA A 154 17.05 2.17 13.33
N LEU A 155 18.01 3.10 13.46
CA LEU A 155 18.85 3.18 14.66
C LEU A 155 18.23 4.21 15.62
N HIS A 156 17.28 3.73 16.43
CA HIS A 156 16.52 4.60 17.33
C HIS A 156 17.41 5.24 18.39
N GLY A 157 17.07 6.49 18.76
CA GLY A 157 17.91 7.28 19.63
C GLY A 157 18.97 8.09 18.91
N SER A 158 19.20 7.78 17.64
CA SER A 158 20.01 8.61 16.75
C SER A 158 19.08 9.57 16.00
N GLN A 159 19.60 10.74 15.68
CA GLN A 159 18.84 11.71 14.92
C GLN A 159 19.27 11.73 13.46
N GLU A 160 20.27 10.92 13.10
CA GLU A 160 20.69 10.80 11.72
C GLU A 160 19.95 9.71 10.97
N ALA A 161 19.50 8.66 11.67
CA ALA A 161 18.72 7.57 11.08
C ALA A 161 17.67 7.13 12.09
N PRO A 162 16.70 7.98 12.40
CA PRO A 162 15.76 7.68 13.48
C PRO A 162 14.74 6.62 13.13
N GLY A 163 14.61 6.31 11.83
CA GLY A 163 13.54 5.48 11.35
C GLY A 163 12.36 6.28 10.83
N ASN A 164 11.45 5.57 10.19
CA ASN A 164 10.15 6.06 9.73
C ASN A 164 10.24 7.19 8.70
N VAL A 165 11.42 7.46 8.14
CA VAL A 165 11.52 8.70 7.38
C VAL A 165 10.68 8.62 6.10
N GLY A 166 10.46 7.43 5.57
CA GLY A 166 9.62 7.31 4.39
C GLY A 166 8.18 7.69 4.66
N LEU A 167 7.73 7.54 5.90
CA LEU A 167 6.42 8.03 6.27
C LEU A 167 6.43 9.55 6.39
N LEU A 168 7.51 10.11 6.93
CA LEU A 168 7.67 11.55 6.97
C LEU A 168 7.72 12.14 5.58
N ASP A 169 8.38 11.45 4.64
CA ASP A 169 8.22 11.77 3.23
C ASP A 169 6.73 11.88 2.87
N GLN A 170 5.96 10.84 3.17
CA GLN A 170 4.54 10.88 2.86
C GLN A 170 3.88 12.06 3.56
N ARG A 171 4.20 12.26 4.83
CA ARG A 171 3.58 13.34 5.57
C ARG A 171 3.85 14.68 4.91
N MET A 172 5.10 14.93 4.51
CA MET A 172 5.43 16.22 3.92
C MET A 172 4.68 16.44 2.62
N ALA A 173 4.56 15.41 1.78
CA ALA A 173 3.72 15.51 0.59
C ALA A 173 2.28 15.81 0.98
N LEU A 174 1.80 15.26 2.09
CA LEU A 174 0.43 15.57 2.52
C LEU A 174 0.32 16.99 3.05
N GLN A 175 1.36 17.47 3.72
CA GLN A 175 1.40 18.86 4.15
C GLN A 175 1.43 19.79 2.96
N TRP A 176 2.14 19.40 1.89
CA TRP A 176 2.17 20.23 0.69
C TRP A 176 0.81 20.25 0.00
N VAL A 177 0.07 19.14 0.03
CA VAL A 177 -1.26 19.15 -0.56
C VAL A 177 -2.18 20.04 0.26
N HIS A 178 -2.08 19.97 1.60
CA HIS A 178 -2.91 20.80 2.45
C HIS A 178 -2.64 22.29 2.18
N ASP A 179 -1.38 22.65 1.97
CA ASP A 179 -1.01 24.04 1.82
C ASP A 179 -1.31 24.57 0.43
N ASN A 180 -1.25 23.75 -0.61
CA ASN A 180 -1.22 24.25 -1.96
C ASN A 180 -2.27 23.70 -2.91
N ILE A 181 -3.10 22.74 -2.51
CA ILE A 181 -3.97 22.13 -3.50
C ILE A 181 -5.08 23.10 -3.92
N GLN A 182 -5.32 24.15 -3.13
CA GLN A 182 -6.34 25.14 -3.47
C GLN A 182 -5.99 25.90 -4.75
N PHE A 183 -4.71 26.12 -5.02
CA PHE A 183 -4.30 26.77 -6.25
C PHE A 183 -4.46 25.87 -7.47
N PHE A 184 -4.73 24.58 -7.27
CA PHE A 184 -5.08 23.70 -8.37
C PHE A 184 -6.56 23.41 -8.41
N GLY A 185 -7.37 24.19 -7.68
CA GLY A 185 -8.79 23.94 -7.63
C GLY A 185 -9.20 22.80 -6.73
N GLY A 186 -8.34 22.39 -5.81
CA GLY A 186 -8.65 21.33 -4.87
C GLY A 186 -9.12 21.92 -3.54
N ASP A 187 -10.12 21.27 -2.95
CA ASP A 187 -10.59 21.63 -1.62
C ASP A 187 -9.71 20.99 -0.56
N PRO A 188 -8.82 21.75 0.10
CA PRO A 188 -7.87 21.14 1.03
C PRO A 188 -8.49 20.60 2.31
N LYS A 189 -9.79 20.64 2.39
CA LYS A 189 -10.50 20.12 3.51
C LYS A 189 -11.35 18.96 3.10
N THR A 190 -10.94 18.35 2.02
CA THR A 190 -11.63 17.23 1.53
C THR A 190 -10.66 16.36 0.80
N VAL A 191 -9.64 15.95 1.49
CA VAL A 191 -8.64 15.12 0.92
C VAL A 191 -8.81 13.76 1.43
N THR A 192 -8.90 12.82 0.53
CA THR A 192 -9.03 11.45 0.91
C THR A 192 -7.75 10.80 0.50
N ILE A 193 -7.08 10.15 1.44
CA ILE A 193 -5.86 9.48 1.12
C ILE A 193 -6.18 8.04 0.96
N PHE A 194 -5.68 7.45 -0.08
CA PHE A 194 -5.92 6.03 -0.31
C PHE A 194 -4.62 5.35 -0.74
N GLY A 195 -4.56 4.04 -0.48
CA GLY A 195 -3.38 3.27 -0.85
C GLY A 195 -3.69 1.80 -0.83
N GLU A 196 -2.77 1.04 -1.38
CA GLU A 196 -2.89 -0.39 -1.37
C GLU A 196 -1.66 -1.02 -0.82
N SER A 197 -1.82 -2.19 -0.28
CA SER A 197 -0.73 -2.94 0.29
C SER A 197 -0.03 -2.05 1.25
N ALA A 198 1.27 -1.92 1.14
CA ALA A 198 2.00 -1.05 2.00
C ALA A 198 1.39 0.31 1.98
N GLY A 199 0.84 0.71 0.87
CA GLY A 199 0.23 2.03 0.84
C GLY A 199 -1.05 2.10 1.65
N GLY A 200 -1.81 1.00 1.70
CA GLY A 200 -2.93 0.95 2.60
C GLY A 200 -2.50 0.87 4.05
N ALA A 201 -1.37 0.23 4.33
CA ALA A 201 -0.88 0.26 5.70
C ALA A 201 -0.39 1.66 6.07
N SER A 202 0.16 2.38 5.11
CA SER A 202 0.53 3.77 5.34
C SER A 202 -0.68 4.64 5.64
N VAL A 203 -1.73 4.52 4.82
CA VAL A 203 -2.94 5.31 5.01
C VAL A 203 -3.46 5.12 6.43
N GLY A 204 -3.51 3.88 6.89
CA GLY A 204 -3.93 3.61 8.25
C GLY A 204 -2.92 4.02 9.29
N MET A 205 -1.65 4.15 8.91
CA MET A 205 -0.67 4.64 9.87
C MET A 205 -0.85 6.13 10.11
N HIS A 206 -1.14 6.90 9.06
CA HIS A 206 -1.43 8.31 9.23
C HIS A 206 -2.71 8.54 10.04
N ILE A 207 -3.63 7.56 10.02
CA ILE A 207 -4.79 7.61 10.89
C ILE A 207 -4.37 7.51 12.35
N LEU A 208 -3.38 6.67 12.65
CA LEU A 208 -2.92 6.49 14.03
C LEU A 208 -2.01 7.62 14.48
N SER A 209 -1.05 8.01 13.66
CA SER A 209 -0.01 8.95 14.11
C SER A 209 -0.58 10.35 14.28
N PRO A 210 -0.42 10.98 15.45
CA PRO A 210 -1.06 12.29 15.66
C PRO A 210 -0.49 13.39 14.77
N GLY A 211 0.81 13.38 14.50
CA GLY A 211 1.41 14.36 13.62
C GLY A 211 0.86 14.39 12.20
N SER A 212 -0.06 13.48 11.89
CA SER A 212 -0.53 13.31 10.53
C SER A 212 -2.02 13.54 10.36
N ARG A 213 -2.82 13.47 11.43
CA ARG A 213 -4.27 13.34 11.28
C ARG A 213 -4.89 14.59 10.70
N ASP A 214 -4.34 15.76 11.00
CA ASP A 214 -5.04 16.97 10.62
C ASP A 214 -4.77 17.36 9.17
N LEU A 215 -4.01 16.54 8.44
CA LEU A 215 -3.61 16.83 7.06
C LEU A 215 -4.49 16.16 6.02
N PHE A 216 -5.51 15.43 6.43
CA PHE A 216 -6.38 14.75 5.49
C PHE A 216 -7.71 14.53 6.20
N ARG A 217 -8.75 14.34 5.40
CA ARG A 217 -10.11 14.27 5.91
C ARG A 217 -10.55 12.82 6.12
N ARG A 218 -10.53 12.00 5.07
CA ARG A 218 -10.98 10.62 5.17
C ARG A 218 -9.99 9.69 4.46
N ALA A 219 -10.27 8.38 4.44
CA ALA A 219 -9.23 7.39 4.15
C ALA A 219 -9.77 6.17 3.45
N ILE A 220 -9.01 5.67 2.47
CA ILE A 220 -9.30 4.38 1.83
C ILE A 220 -8.08 3.47 1.92
N LEU A 221 -8.28 2.27 2.44
CA LEU A 221 -7.22 1.28 2.58
C LEU A 221 -7.58 0.05 1.74
N GLN A 222 -6.68 -0.34 0.84
CA GLN A 222 -6.94 -1.49 -0.03
C GLN A 222 -5.89 -2.56 0.23
N SER A 223 -6.31 -3.68 0.81
CA SER A 223 -5.41 -4.81 1.04
C SER A 223 -4.22 -4.38 1.89
N GLY A 224 -4.48 -3.56 2.90
CA GLY A 224 -3.41 -3.05 3.71
C GLY A 224 -3.97 -2.60 5.03
N SER A 225 -3.10 -2.52 6.01
CA SER A 225 -3.60 -2.34 7.35
C SER A 225 -2.41 -2.01 8.22
N PRO A 226 -2.47 -0.96 9.04
CA PRO A 226 -1.28 -0.56 9.80
C PRO A 226 -0.73 -1.68 10.69
N ASN A 227 -1.59 -2.56 11.20
CA ASN A 227 -1.16 -3.63 12.10
C ASN A 227 -0.79 -4.93 11.38
N CYS A 228 -0.52 -4.88 10.07
CA CYS A 228 -0.14 -6.09 9.39
C CYS A 228 1.16 -6.63 9.98
N PRO A 229 1.36 -7.95 10.00
CA PRO A 229 2.56 -8.50 10.64
C PRO A 229 3.85 -8.09 9.96
N TRP A 230 3.79 -7.73 8.68
CA TRP A 230 4.96 -7.29 7.92
C TRP A 230 5.15 -5.78 7.93
N ALA A 231 4.12 -5.02 8.35
CA ALA A 231 4.17 -3.58 8.18
C ALA A 231 5.03 -2.84 9.19
N SER A 232 5.37 -3.43 10.34
CA SER A 232 6.19 -2.70 11.31
C SER A 232 7.04 -3.64 12.14
N VAL A 233 8.17 -3.11 12.63
CA VAL A 233 9.04 -3.85 13.55
C VAL A 233 9.22 -3.05 14.83
N SER A 234 9.70 -3.74 15.86
CA SER A 234 10.09 -3.10 17.10
C SER A 234 11.43 -2.38 16.94
N VAL A 235 11.71 -1.52 17.91
CA VAL A 235 12.95 -0.74 17.88
C VAL A 235 14.17 -1.66 17.93
N ALA A 236 14.14 -2.67 18.81
CA ALA A 236 15.25 -3.61 18.89
C ALA A 236 15.46 -4.33 17.57
N GLU A 237 14.37 -4.80 16.95
CA GLU A 237 14.51 -5.52 15.70
C GLU A 237 15.01 -4.62 14.58
N GLY A 238 14.53 -3.36 14.55
CA GLY A 238 14.98 -2.43 13.54
C GLY A 238 16.44 -2.08 13.69
N ARG A 239 16.92 -2.04 14.94
CA ARG A 239 18.34 -1.82 15.17
C ARG A 239 19.14 -3.02 14.71
N ARG A 240 18.73 -4.23 15.11
CA ARG A 240 19.43 -5.45 14.72
C ARG A 240 19.57 -5.55 13.21
N ARG A 241 18.49 -5.23 12.47
CA ARG A 241 18.54 -5.32 11.01
C ARG A 241 19.44 -4.25 10.42
N ALA A 242 19.43 -3.07 11.03
CA ALA A 242 20.33 -1.99 10.59
C ALA A 242 21.80 -2.39 10.81
N VAL A 243 22.10 -2.97 11.96
CA VAL A 243 23.46 -3.44 12.26
C VAL A 243 23.86 -4.57 11.31
N GLU A 244 22.92 -5.45 10.98
CA GLU A 244 23.23 -6.55 10.08
C GLU A 244 23.43 -6.07 8.65
N LEU A 245 22.69 -5.05 8.23
CA LEU A 245 23.00 -4.40 6.96
C LEU A 245 24.45 -3.89 6.96
N GLY A 246 24.87 -3.31 8.08
CA GLY A 246 26.25 -2.85 8.18
C GLY A 246 27.25 -3.98 8.04
N ARG A 247 26.96 -5.11 8.68
CA ARG A 247 27.86 -6.24 8.64
C ARG A 247 28.01 -6.82 7.23
N ASN A 248 26.95 -6.78 6.41
CA ASN A 248 27.04 -7.29 5.05
C ASN A 248 27.92 -6.40 4.16
N LEU A 249 28.03 -5.11 4.48
CA LEU A 249 28.84 -4.18 3.71
C LEU A 249 30.17 -3.87 4.39
N ASN A 250 30.58 -4.73 5.31
CA ASN A 250 31.86 -4.64 6.01
C ASN A 250 32.04 -3.23 6.59
N CYS A 251 31.15 -2.90 7.52
CA CYS A 251 31.12 -1.60 8.14
C CYS A 251 31.65 -1.70 9.56
N ASN A 252 32.24 -0.60 10.03
CA ASN A 252 32.54 -0.47 11.45
C ASN A 252 31.21 -0.39 12.20
N LEU A 253 31.02 -1.27 13.17
CA LEU A 253 29.73 -1.38 13.85
C LEU A 253 29.76 -0.86 15.29
N ASN A 254 30.81 -0.13 15.68
CA ASN A 254 30.99 0.21 17.09
C ASN A 254 29.96 1.24 17.54
N SER A 255 29.92 2.40 16.89
CA SER A 255 28.98 3.45 17.23
C SER A 255 27.91 3.59 16.16
N ASP A 256 26.80 4.24 16.54
CA ASP A 256 25.77 4.53 15.55
C ASP A 256 26.25 5.57 14.55
N GLU A 257 27.09 6.50 14.99
CA GLU A 257 27.63 7.45 14.03
C GLU A 257 28.55 6.76 13.05
N GLU A 258 29.23 5.72 13.51
CA GLU A 258 30.15 4.98 12.65
C GLU A 258 29.39 4.15 11.62
N LEU A 259 28.30 3.51 12.03
CA LEU A 259 27.48 2.75 11.09
C LEU A 259 26.85 3.66 10.03
N ILE A 260 26.25 4.78 10.47
CA ILE A 260 25.55 5.66 9.54
C ILE A 260 26.51 6.30 8.56
N HIS A 261 27.67 6.76 9.04
CA HIS A 261 28.66 7.31 8.12
C HIS A 261 29.09 6.27 7.11
N CYS A 262 29.34 5.03 7.56
CA CYS A 262 29.75 3.98 6.64
C CYS A 262 28.68 3.72 5.59
N LEU A 263 27.40 3.74 6.00
CA LEU A 263 26.32 3.46 5.06
C LEU A 263 26.10 4.60 4.08
N ARG A 264 26.44 5.83 4.44
CA ARG A 264 26.26 6.92 3.49
C ARG A 264 27.35 6.93 2.44
N GLU A 265 28.54 6.42 2.77
CA GLU A 265 29.60 6.34 1.76
C GLU A 265 29.19 5.42 0.62
N LYS A 266 28.42 4.38 0.91
CA LYS A 266 28.06 3.37 -0.07
C LYS A 266 27.17 3.93 -1.17
N LYS A 267 27.30 3.40 -2.36
CA LYS A 267 26.38 3.73 -3.43
C LYS A 267 25.03 3.08 -3.14
N PRO A 268 23.95 3.60 -3.71
CA PRO A 268 22.63 2.99 -3.49
C PRO A 268 22.59 1.49 -3.78
N GLN A 269 22.95 1.09 -5.00
CA GLN A 269 22.81 -0.31 -5.39
C GLN A 269 23.58 -1.26 -4.47
N GLU A 270 24.54 -0.77 -3.69
CA GLU A 270 25.25 -1.65 -2.76
C GLU A 270 24.40 -2.04 -1.57
N LEU A 271 23.50 -1.16 -1.13
CA LEU A 271 22.60 -1.52 -0.06
C LEU A 271 21.45 -2.38 -0.56
N ILE A 272 21.03 -2.17 -1.81
CA ILE A 272 19.97 -2.97 -2.38
C ILE A 272 20.42 -4.41 -2.59
N ASP A 273 21.71 -4.60 -2.91
CA ASP A 273 22.23 -5.93 -3.22
C ASP A 273 22.16 -6.86 -2.02
N VAL A 274 22.29 -6.31 -0.81
CA VAL A 274 22.34 -7.12 0.41
C VAL A 274 21.15 -6.89 1.30
N GLU A 275 20.18 -6.07 0.85
CA GLU A 275 19.02 -5.70 1.67
C GLU A 275 18.27 -6.92 2.19
N TRP A 276 18.10 -7.93 1.34
CA TRP A 276 17.30 -9.07 1.75
C TRP A 276 18.03 -10.00 2.70
N ASN A 277 19.32 -9.80 2.90
CA ASN A 277 20.10 -10.72 3.72
C ASN A 277 19.89 -10.52 5.23
N VAL A 278 19.12 -9.51 5.65
CA VAL A 278 19.03 -9.18 7.07
C VAL A 278 17.73 -9.64 7.70
N LEU A 279 16.81 -10.19 6.93
CA LEU A 279 15.61 -10.76 7.51
C LEU A 279 15.98 -11.82 8.54
N PRO A 280 15.25 -11.92 9.64
CA PRO A 280 15.64 -12.87 10.69
C PRO A 280 15.30 -14.31 10.38
N PHE A 281 14.39 -14.56 9.43
CA PHE A 281 13.85 -15.90 9.21
C PHE A 281 13.81 -16.22 7.72
N ASP A 282 13.58 -17.48 7.43
CA ASP A 282 13.20 -17.90 6.10
C ASP A 282 11.71 -17.65 5.96
N SER A 283 11.33 -16.75 5.07
CA SER A 283 9.97 -16.25 5.14
C SER A 283 9.45 -15.90 3.75
N ILE A 284 8.13 -15.79 3.67
CA ILE A 284 7.50 -15.06 2.59
C ILE A 284 6.65 -13.96 3.22
N PHE A 285 6.47 -12.86 2.47
CA PHE A 285 5.67 -11.72 2.93
C PHE A 285 6.31 -11.06 4.16
N ARG A 286 7.64 -10.94 4.14
CA ARG A 286 8.39 -10.16 5.11
C ARG A 286 9.42 -9.34 4.35
N PHE A 287 9.55 -8.06 4.74
CA PHE A 287 10.43 -7.12 4.06
C PHE A 287 11.37 -6.51 5.07
N SER A 288 12.55 -6.12 4.59
CA SER A 288 13.67 -5.85 5.50
C SER A 288 13.47 -4.55 6.28
N PHE A 289 13.32 -3.44 5.60
CA PHE A 289 13.29 -2.14 6.27
C PHE A 289 11.88 -1.56 6.20
N VAL A 290 11.20 -1.59 7.35
CA VAL A 290 9.79 -1.21 7.41
C VAL A 290 9.59 -0.21 8.56
N PRO A 291 8.42 0.42 8.69
CA PRO A 291 8.20 1.35 9.81
C PRO A 291 8.51 0.71 11.16
N VAL A 292 9.07 1.51 12.07
CA VAL A 292 9.39 1.05 13.42
C VAL A 292 8.47 1.74 14.41
N ILE A 293 7.92 0.98 15.35
CA ILE A 293 7.20 1.53 16.49
C ILE A 293 8.22 2.24 17.38
N ASP A 294 8.21 3.59 17.38
CA ASP A 294 9.33 4.39 17.85
C ASP A 294 9.01 5.29 19.05
N GLY A 295 7.75 5.49 19.31
CA GLY A 295 7.32 6.31 20.39
C GLY A 295 7.09 7.72 19.91
N GLU A 296 7.54 8.04 18.71
CA GLU A 296 7.31 9.35 18.17
C GLU A 296 6.26 9.32 17.09
N PHE A 297 6.55 8.71 15.95
CA PHE A 297 5.57 8.67 14.88
C PHE A 297 4.43 7.90 15.42
N PHE A 298 4.73 6.81 16.09
CA PHE A 298 3.70 6.03 16.79
C PHE A 298 3.91 6.26 18.27
N PRO A 299 2.97 6.91 18.97
CA PRO A 299 3.20 7.20 20.40
C PRO A 299 3.45 5.95 21.22
N THR A 300 2.67 4.90 21.02
CA THR A 300 2.81 3.65 21.78
C THR A 300 2.61 2.49 20.80
N SER A 301 2.47 1.29 21.36
CA SER A 301 2.18 0.11 20.56
C SER A 301 0.89 0.31 19.76
N LEU A 302 0.82 -0.33 18.60
CA LEU A 302 -0.36 -0.14 17.75
C LEU A 302 -1.61 -0.75 18.38
N GLU A 303 -1.47 -1.84 19.12
CA GLU A 303 -2.66 -2.49 19.67
C GLU A 303 -3.29 -1.64 20.78
N SER A 304 -2.46 -0.96 21.58
CA SER A 304 -3.01 -0.10 22.61
C SER A 304 -3.66 1.15 22.00
N MET A 305 -3.05 1.71 20.95
CA MET A 305 -3.70 2.78 20.19
C MET A 305 -5.06 2.35 19.65
N LEU A 306 -5.15 1.12 19.12
CA LEU A 306 -6.43 0.69 18.58
C LEU A 306 -7.45 0.42 19.69
N ASN A 307 -7.01 -0.08 20.85
CA ASN A 307 -7.93 -0.36 21.94
C ASN A 307 -8.43 0.91 22.61
N SER A 308 -7.62 1.96 22.63
CA SER A 308 -7.89 3.16 23.41
C SER A 308 -8.40 4.31 22.55
N GLY A 309 -9.05 4.02 21.42
CA GLY A 309 -9.52 5.04 20.50
C GLY A 309 -8.52 6.12 20.13
N ASN A 310 -7.22 5.84 20.23
CA ASN A 310 -6.19 6.85 20.03
C ASN A 310 -5.86 6.96 18.54
N PHE A 311 -6.76 7.62 17.79
CA PHE A 311 -6.56 7.80 16.36
C PHE A 311 -7.60 8.74 15.77
N LYS A 312 -7.28 9.26 14.59
CA LYS A 312 -8.20 10.11 13.84
C LYS A 312 -9.54 9.41 13.65
N LYS A 313 -10.60 10.02 14.21
CA LYS A 313 -11.97 9.52 14.02
C LYS A 313 -12.59 10.22 12.83
N THR A 314 -12.95 9.46 11.81
CA THR A 314 -13.51 9.94 10.56
C THR A 314 -14.23 8.75 9.91
N GLN A 315 -14.39 8.77 8.59
CA GLN A 315 -14.87 7.61 7.87
C GLN A 315 -13.71 6.95 7.13
N ILE A 316 -13.82 5.64 6.95
CA ILE A 316 -12.83 4.86 6.21
C ILE A 316 -13.57 3.93 5.26
N LEU A 317 -13.00 3.73 4.08
CA LEU A 317 -13.45 2.72 3.13
C LEU A 317 -12.31 1.74 2.87
N LEU A 318 -12.56 0.44 3.02
CA LEU A 318 -11.45 -0.52 2.96
C LEU A 318 -11.94 -1.90 2.52
N GLY A 319 -11.00 -2.73 2.07
CA GLY A 319 -11.36 -4.09 1.69
C GLY A 319 -10.19 -4.88 1.16
N VAL A 320 -10.51 -6.12 0.75
CA VAL A 320 -9.52 -7.13 0.39
C VAL A 320 -9.91 -7.79 -0.93
N ASN A 321 -8.93 -8.44 -1.55
CA ASN A 321 -9.13 -9.33 -2.69
C ASN A 321 -9.33 -10.78 -2.24
N LYS A 322 -9.86 -11.61 -3.16
CA LYS A 322 -10.24 -12.99 -2.82
C LYS A 322 -9.02 -13.83 -2.51
N ASP A 323 -7.98 -13.76 -3.33
CA ASP A 323 -6.83 -14.66 -3.22
C ASP A 323 -5.58 -13.78 -3.06
N GLU A 324 -5.35 -13.30 -1.85
CA GLU A 324 -4.26 -12.37 -1.59
C GLU A 324 -2.91 -13.06 -1.49
N GLY A 325 -2.88 -14.32 -1.10
CA GLY A 325 -1.58 -14.95 -0.86
C GLY A 325 -0.88 -15.50 -2.08
N SER A 326 -1.62 -15.75 -3.15
CA SER A 326 -1.08 -16.54 -4.25
C SER A 326 0.11 -15.85 -4.91
N PHE A 327 0.13 -14.53 -4.96
CA PHE A 327 1.24 -13.80 -5.55
C PHE A 327 2.55 -14.07 -4.81
N PHE A 328 2.49 -14.26 -3.49
CA PHE A 328 3.70 -14.34 -2.70
C PHE A 328 4.23 -15.74 -2.59
N LEU A 329 3.34 -16.73 -2.73
CA LEU A 329 3.76 -18.12 -2.84
C LEU A 329 4.52 -18.35 -4.13
N LEU A 330 4.06 -17.74 -5.22
CA LEU A 330 4.79 -17.84 -6.49
C LEU A 330 6.26 -17.43 -6.36
N TYR A 331 6.56 -16.50 -5.48
CA TYR A 331 7.90 -15.95 -5.43
C TYR A 331 8.83 -16.73 -4.51
N GLY A 332 8.31 -17.33 -3.45
CA GLY A 332 9.22 -17.95 -2.50
C GLY A 332 8.79 -19.30 -1.95
N ALA A 333 7.57 -19.77 -2.31
CA ALA A 333 7.22 -21.07 -1.75
C ALA A 333 7.54 -22.21 -2.74
N PRO A 334 7.99 -23.36 -2.23
CA PRO A 334 8.35 -24.47 -3.13
C PRO A 334 7.14 -25.21 -3.67
N GLY A 335 7.16 -25.47 -4.98
CA GLY A 335 6.11 -26.15 -5.67
C GLY A 335 5.40 -25.28 -6.68
N PHE A 336 5.36 -23.97 -6.42
CA PHE A 336 4.65 -23.01 -7.24
C PHE A 336 5.54 -22.56 -8.39
N SER A 337 4.93 -22.39 -9.56
CA SER A 337 5.63 -21.90 -10.74
C SER A 337 4.60 -21.18 -11.60
N LYS A 338 5.06 -20.14 -12.31
CA LYS A 338 4.18 -19.38 -13.18
C LYS A 338 3.51 -20.24 -14.24
N ASP A 339 4.11 -21.38 -14.60
CA ASP A 339 3.68 -22.09 -15.80
C ASP A 339 3.10 -23.46 -15.52
N SER A 340 2.93 -23.84 -14.26
CA SER A 340 2.20 -25.05 -13.91
C SER A 340 0.95 -24.70 -13.10
N GLU A 341 0.04 -25.66 -12.99
CA GLU A 341 -1.07 -25.50 -12.07
C GLU A 341 -0.62 -25.50 -10.62
N SER A 342 0.66 -25.75 -10.37
CA SER A 342 1.27 -25.68 -9.04
C SER A 342 0.49 -26.49 -8.01
N LYS A 343 0.11 -27.71 -8.37
CA LYS A 343 -0.36 -28.67 -7.37
C LYS A 343 0.75 -28.94 -6.36
N ILE A 344 0.38 -29.05 -5.10
CA ILE A 344 1.32 -28.91 -4.00
C ILE A 344 1.30 -30.17 -3.18
N SER A 345 2.42 -30.89 -3.19
CA SER A 345 2.55 -32.10 -2.41
C SER A 345 2.27 -31.82 -0.94
N ARG A 346 1.88 -32.88 -0.23
CA ARG A 346 1.76 -32.80 1.22
C ARG A 346 3.03 -32.23 1.84
N GLU A 347 4.19 -32.61 1.32
CA GLU A 347 5.45 -32.20 1.91
C GLU A 347 5.73 -30.73 1.64
N ASP A 348 5.38 -30.26 0.45
CA ASP A 348 5.63 -28.86 0.10
C ASP A 348 4.60 -27.94 0.75
N PHE A 349 3.42 -28.45 1.04
CA PHE A 349 2.49 -27.70 1.90
C PHE A 349 3.11 -27.43 3.25
N MET A 350 3.60 -28.47 3.93
CA MET A 350 4.40 -28.37 5.15
C MET A 350 5.45 -27.27 5.06
N SER A 351 6.15 -27.22 3.92
CA SER A 351 7.20 -26.22 3.76
C SER A 351 6.62 -24.82 3.62
N GLY A 352 5.49 -24.69 2.93
CA GLY A 352 4.85 -23.39 2.81
C GLY A 352 4.38 -22.85 4.14
N VAL A 353 3.84 -23.72 5.00
CA VAL A 353 3.35 -23.29 6.32
C VAL A 353 4.49 -22.73 7.16
N LYS A 354 5.67 -23.31 7.05
CA LYS A 354 6.87 -22.76 7.70
C LYS A 354 7.18 -21.36 7.19
N LEU A 355 7.20 -21.17 5.88
CA LEU A 355 7.63 -19.88 5.33
C LEU A 355 6.56 -18.80 5.51
N SER A 356 5.31 -19.17 5.78
CA SER A 356 4.25 -18.19 5.92
C SER A 356 4.14 -17.66 7.35
N VAL A 357 4.39 -18.49 8.35
CA VAL A 357 4.36 -18.05 9.73
C VAL A 357 5.74 -18.23 10.35
N PRO A 358 6.74 -17.47 9.91
CA PRO A 358 8.13 -17.74 10.33
C PRO A 358 8.42 -17.51 11.81
N HIS A 359 7.55 -16.84 12.55
CA HIS A 359 7.78 -16.57 13.96
C HIS A 359 7.17 -17.65 14.86
N ALA A 360 6.56 -18.68 14.28
CA ALA A 360 5.79 -19.65 15.04
C ALA A 360 6.65 -20.85 15.42
N ASN A 361 6.53 -21.27 16.69
CA ASN A 361 7.15 -22.50 17.16
C ASN A 361 6.43 -23.70 16.56
N ASP A 362 6.94 -24.90 16.85
CA ASP A 362 6.38 -26.09 16.23
C ASP A 362 4.90 -26.24 16.56
N LEU A 363 4.51 -26.00 17.82
CA LEU A 363 3.10 -26.17 18.19
C LEU A 363 2.21 -25.22 17.42
N GLY A 364 2.67 -23.99 17.21
CA GLY A 364 1.93 -23.07 16.37
C GLY A 364 1.86 -23.50 14.92
N LEU A 365 2.97 -24.05 14.41
CA LEU A 365 2.98 -24.62 13.05
C LEU A 365 1.95 -25.73 12.89
N ASP A 366 1.83 -26.59 13.90
CA ASP A 366 0.80 -27.63 13.88
C ASP A 366 -0.60 -27.04 13.91
N ALA A 367 -0.81 -25.97 14.71
CA ALA A 367 -2.13 -25.33 14.80
C ALA A 367 -2.57 -24.80 13.44
N VAL A 368 -1.72 -24.01 12.80
CA VAL A 368 -1.99 -23.54 11.43
C VAL A 368 -2.37 -24.72 10.54
N THR A 369 -1.50 -25.75 10.51
CA THR A 369 -1.71 -26.88 9.62
C THR A 369 -3.07 -27.53 9.86
N LEU A 370 -3.36 -27.86 11.11
CA LEU A 370 -4.63 -28.48 11.44
C LEU A 370 -5.77 -27.65 10.90
N GLN A 371 -5.71 -26.32 11.12
CA GLN A 371 -6.82 -25.42 10.82
C GLN A 371 -7.09 -25.32 9.32
N TYR A 372 -6.08 -25.57 8.48
CA TYR A 372 -6.19 -25.31 7.05
C TYR A 372 -6.11 -26.57 6.19
N THR A 373 -6.16 -27.77 6.80
CA THR A 373 -6.03 -29.05 6.09
C THR A 373 -7.36 -29.80 6.08
N ASP A 374 -7.88 -30.08 4.89
CA ASP A 374 -9.03 -31.00 4.77
C ASP A 374 -8.53 -32.41 5.00
N TRP A 375 -8.81 -32.96 6.19
CA TRP A 375 -8.22 -34.26 6.55
C TRP A 375 -8.97 -35.46 5.97
N MET A 376 -10.05 -35.22 5.25
CA MET A 376 -10.74 -36.27 4.59
C MET A 376 -10.11 -36.49 3.23
N ASP A 377 -9.27 -35.56 2.79
CA ASP A 377 -8.60 -35.60 1.52
C ASP A 377 -7.29 -34.85 1.60
N ASP A 378 -6.42 -35.26 2.48
CA ASP A 378 -5.16 -34.59 2.74
C ASP A 378 -4.10 -34.45 1.67
N ASN A 379 -4.03 -35.39 0.78
CA ASN A 379 -3.01 -35.41 -0.27
C ASN A 379 -3.55 -34.92 -1.60
N ASN A 380 -4.36 -33.86 -1.54
CA ASN A 380 -4.95 -33.21 -2.71
C ASN A 380 -4.15 -31.94 -2.94
N GLY A 381 -3.39 -31.90 -4.03
CA GLY A 381 -2.49 -30.79 -4.32
C GLY A 381 -3.19 -29.53 -4.80
N ILE A 382 -4.48 -29.60 -5.12
CA ILE A 382 -5.22 -28.37 -5.33
C ILE A 382 -5.69 -27.80 -4.00
N LYS A 383 -6.22 -28.65 -3.12
CA LYS A 383 -6.60 -28.22 -1.79
C LYS A 383 -5.40 -27.76 -0.97
N ASN A 384 -4.23 -28.37 -1.18
CA ASN A 384 -3.04 -27.88 -0.49
C ASN A 384 -2.59 -26.54 -1.06
N ARG A 385 -2.78 -26.33 -2.36
CA ARG A 385 -2.35 -25.10 -3.00
C ARG A 385 -3.27 -23.94 -2.60
N ASP A 386 -4.57 -24.15 -2.77
CA ASP A 386 -5.56 -23.17 -2.35
C ASP A 386 -5.48 -22.89 -0.85
N GLY A 387 -5.21 -23.93 -0.06
CA GLY A 387 -5.06 -23.72 1.36
C GLY A 387 -3.92 -22.78 1.69
N LEU A 388 -2.81 -22.90 0.96
CA LEU A 388 -1.68 -22.02 1.21
C LEU A 388 -2.03 -20.57 0.86
N ASP A 389 -2.58 -20.35 -0.33
CA ASP A 389 -3.18 -19.07 -0.72
C ASP A 389 -4.01 -18.44 0.41
N ASP A 390 -4.82 -19.24 1.10
CA ASP A 390 -5.58 -18.67 2.21
C ASP A 390 -4.72 -18.47 3.45
N ILE A 391 -3.73 -19.33 3.70
CA ILE A 391 -2.89 -19.11 4.88
C ILE A 391 -2.19 -17.75 4.79
N VAL A 392 -1.69 -17.41 3.59
CA VAL A 392 -0.91 -16.18 3.43
C VAL A 392 -1.82 -14.96 3.32
N GLY A 393 -2.95 -15.09 2.65
CA GLY A 393 -3.91 -14.01 2.62
C GLY A 393 -4.46 -13.67 3.99
N ASP A 394 -4.93 -14.69 4.73
CA ASP A 394 -5.55 -14.43 6.01
C ASP A 394 -4.56 -13.84 7.00
N HIS A 395 -3.43 -14.50 7.20
CA HIS A 395 -2.47 -14.06 8.19
C HIS A 395 -1.96 -12.65 7.88
N ASN A 396 -1.64 -12.39 6.61
CA ASN A 396 -0.87 -11.21 6.26
C ASN A 396 -1.70 -10.00 5.87
N VAL A 397 -2.96 -10.19 5.48
CA VAL A 397 -3.77 -9.12 4.93
C VAL A 397 -5.15 -9.17 5.54
N ILE A 398 -5.95 -10.19 5.19
CA ILE A 398 -7.38 -10.15 5.51
C ILE A 398 -7.61 -10.15 7.00
N CYS A 399 -6.94 -11.02 7.74
CA CYS A 399 -7.25 -11.03 9.16
C CYS A 399 -6.68 -9.85 9.97
N PRO A 400 -5.50 -9.29 9.66
CA PRO A 400 -5.14 -8.04 10.35
C PRO A 400 -6.02 -6.87 9.96
N LEU A 401 -6.55 -6.83 8.73
CA LEU A 401 -7.47 -5.77 8.36
C LEU A 401 -8.82 -5.94 9.06
N MET A 402 -9.29 -7.13 9.23
CA MET A 402 -10.53 -7.28 9.95
C MET A 402 -10.38 -6.81 11.36
N HIS A 403 -9.24 -7.06 11.95
CA HIS A 403 -8.99 -6.62 13.29
C HIS A 403 -9.03 -5.13 13.32
N PHE A 404 -8.42 -4.49 12.35
CA PHE A 404 -8.41 -3.06 12.30
C PHE A 404 -9.79 -2.54 12.12
N VAL A 405 -10.53 -3.14 11.22
CA VAL A 405 -11.88 -2.65 10.98
C VAL A 405 -12.82 -2.96 12.15
N ASN A 406 -12.54 -3.96 12.96
CA ASN A 406 -13.40 -4.14 14.13
C ASN A 406 -13.04 -3.15 15.22
N LYS A 407 -11.75 -2.84 15.37
CA LYS A 407 -11.32 -1.87 16.39
C LYS A 407 -11.67 -0.44 15.99
N TYR A 408 -11.49 -0.10 14.71
CA TYR A 408 -11.74 1.27 14.29
C TYR A 408 -13.22 1.59 14.34
N THR A 409 -14.07 0.63 13.97
CA THR A 409 -15.49 0.92 13.87
C THR A 409 -16.09 1.25 15.24
N LYS A 410 -15.53 0.66 16.30
CA LYS A 410 -15.93 0.95 17.67
C LYS A 410 -15.89 2.44 18.04
N PHE A 411 -15.13 3.26 17.28
CA PHE A 411 -14.90 4.66 17.63
C PHE A 411 -15.02 5.64 16.48
N GLY A 412 -15.39 5.20 15.28
CA GLY A 412 -15.30 6.02 14.11
C GLY A 412 -16.66 6.50 13.64
N ASN A 413 -16.64 7.31 12.59
CA ASN A 413 -17.84 7.94 12.06
C ASN A 413 -18.36 7.26 10.83
N GLY A 414 -17.91 6.06 10.56
CA GLY A 414 -18.40 5.32 9.42
C GLY A 414 -17.41 4.39 8.80
N THR A 415 -17.87 3.23 8.37
CA THR A 415 -16.99 2.27 7.77
C THR A 415 -17.62 1.53 6.64
N TYR A 416 -16.93 1.42 5.54
CA TYR A 416 -17.43 0.65 4.40
C TYR A 416 -16.41 -0.40 3.97
N LEU A 417 -16.86 -1.66 3.84
CA LEU A 417 -15.99 -2.83 3.71
C LEU A 417 -16.31 -3.62 2.45
N TYR A 418 -15.29 -3.89 1.62
CA TYR A 418 -15.55 -4.59 0.37
C TYR A 418 -14.73 -5.88 0.26
N PHE A 419 -15.21 -6.77 -0.61
CA PHE A 419 -14.53 -8.01 -0.97
C PHE A 419 -14.46 -8.04 -2.50
N PHE A 420 -13.30 -7.70 -3.06
CA PHE A 420 -13.11 -7.67 -4.51
C PHE A 420 -12.75 -9.07 -4.99
N ASN A 421 -13.69 -9.74 -5.66
CA ASN A 421 -13.45 -11.12 -6.08
C ASN A 421 -13.79 -11.29 -7.56
N HIS A 422 -13.27 -10.40 -8.41
CA HIS A 422 -13.38 -10.56 -9.85
C HIS A 422 -12.00 -10.81 -10.44
N ARG A 423 -11.83 -11.98 -11.03
CA ARG A 423 -10.65 -12.28 -11.84
C ARG A 423 -10.75 -11.52 -13.16
N ALA A 424 -9.86 -10.56 -13.38
CA ALA A 424 -9.86 -9.80 -14.62
C ALA A 424 -9.66 -10.71 -15.83
N SER A 425 -10.44 -10.46 -16.89
CA SER A 425 -10.50 -11.40 -18.01
C SER A 425 -9.23 -11.41 -18.86
N ASN A 426 -8.39 -10.38 -18.77
CA ASN A 426 -7.18 -10.26 -19.58
C ASN A 426 -5.92 -10.49 -18.76
N LEU A 427 -6.02 -11.21 -17.64
CA LEU A 427 -4.91 -11.31 -16.71
C LEU A 427 -3.85 -12.27 -17.25
N VAL A 428 -2.59 -11.82 -17.22
CA VAL A 428 -1.51 -12.61 -17.80
C VAL A 428 -0.98 -13.69 -16.86
N TRP A 429 -1.29 -13.63 -15.56
CA TRP A 429 -0.82 -14.66 -14.64
C TRP A 429 -1.70 -15.91 -14.75
N PRO A 430 -1.17 -17.07 -14.38
CA PRO A 430 -1.96 -18.30 -14.40
C PRO A 430 -3.26 -18.20 -13.61
N GLU A 431 -4.23 -19.01 -14.01
CA GLU A 431 -5.54 -19.01 -13.38
C GLU A 431 -5.53 -19.58 -11.97
N TRP A 432 -4.54 -20.41 -11.63
CA TRP A 432 -4.49 -20.90 -10.26
C TRP A 432 -4.28 -19.77 -9.26
N MET A 433 -3.75 -18.64 -9.71
CA MET A 433 -3.48 -17.53 -8.82
C MET A 433 -4.73 -16.76 -8.42
N GLY A 434 -5.83 -16.91 -9.16
CA GLY A 434 -7.08 -16.33 -8.71
C GLY A 434 -7.11 -14.81 -8.82
N VAL A 435 -7.71 -14.17 -7.83
CA VAL A 435 -7.86 -12.72 -7.81
C VAL A 435 -6.69 -12.14 -6.99
N ILE A 436 -5.70 -11.58 -7.69
CA ILE A 436 -4.35 -11.39 -7.16
C ILE A 436 -4.21 -10.08 -6.40
N HIS A 437 -3.41 -10.11 -5.34
CA HIS A 437 -2.95 -8.93 -4.61
C HIS A 437 -2.58 -7.80 -5.56
N GLY A 438 -3.22 -6.65 -5.37
CA GLY A 438 -2.94 -5.48 -6.18
C GLY A 438 -3.56 -5.46 -7.54
N TYR A 439 -4.54 -6.33 -7.81
CA TYR A 439 -5.15 -6.35 -9.13
C TYR A 439 -6.55 -5.75 -9.13
N GLU A 440 -6.95 -5.12 -8.04
CA GLU A 440 -8.09 -4.21 -8.06
C GLU A 440 -7.68 -2.79 -8.40
N ILE A 441 -6.39 -2.49 -8.29
CA ILE A 441 -5.88 -1.15 -8.59
C ILE A 441 -6.29 -0.72 -9.99
N GLU A 442 -6.21 -1.62 -10.96
CA GLU A 442 -6.51 -1.23 -12.33
C GLU A 442 -7.97 -0.82 -12.50
N PHE A 443 -8.87 -1.31 -11.63
CA PHE A 443 -10.27 -0.90 -11.69
C PHE A 443 -10.50 0.42 -10.95
N VAL A 444 -9.77 0.65 -9.86
CA VAL A 444 -9.88 1.89 -9.13
C VAL A 444 -9.40 3.05 -9.97
N PHE A 445 -8.39 2.83 -10.82
CA PHE A 445 -7.88 3.89 -11.69
C PHE A 445 -8.49 3.88 -13.09
N GLY A 446 -9.43 2.97 -13.35
CA GLY A 446 -10.22 3.03 -14.56
C GLY A 446 -9.52 2.63 -15.83
N LEU A 447 -8.59 1.68 -15.75
CA LEU A 447 -7.97 1.18 -16.98
C LEU A 447 -8.96 0.38 -17.84
N PRO A 448 -9.92 -0.35 -17.27
CA PRO A 448 -10.99 -0.92 -18.11
C PRO A 448 -11.64 0.06 -19.07
N LEU A 449 -11.64 1.37 -18.78
CA LEU A 449 -12.29 2.33 -19.66
C LEU A 449 -11.54 2.52 -20.96
N VAL A 450 -10.28 2.11 -21.02
CA VAL A 450 -9.51 2.16 -22.26
C VAL A 450 -9.88 0.93 -23.09
N LYS A 451 -10.88 1.08 -23.92
CA LYS A 451 -11.28 -0.06 -24.69
C LYS A 451 -10.32 -0.28 -25.78
N GLU A 452 -9.08 -0.38 -25.38
CA GLU A 452 -7.97 -0.77 -26.22
C GLU A 452 -7.00 -1.56 -25.39
N LEU A 453 -7.45 -1.99 -24.21
CA LEU A 453 -6.68 -2.78 -23.32
C LEU A 453 -7.36 -4.11 -23.20
N ASN A 454 -8.28 -4.38 -24.09
CA ASN A 454 -8.93 -5.68 -24.05
C ASN A 454 -9.64 -5.89 -22.71
N TYR A 455 -10.77 -5.24 -22.52
CA TYR A 455 -11.58 -5.48 -21.34
C TYR A 455 -13.01 -5.73 -21.77
N THR A 456 -13.66 -6.69 -21.10
CA THR A 456 -15.06 -6.92 -21.38
C THR A 456 -15.88 -5.71 -20.97
N ALA A 457 -17.00 -5.52 -21.67
CA ALA A 457 -17.86 -4.38 -21.35
C ALA A 457 -18.33 -4.42 -19.91
N GLU A 458 -18.63 -5.62 -19.39
CA GLU A 458 -19.03 -5.74 -17.99
C GLU A 458 -17.96 -5.20 -17.06
N GLU A 459 -16.69 -5.33 -17.44
CA GLU A 459 -15.62 -4.86 -16.57
C GLU A 459 -15.53 -3.34 -16.58
N GLU A 460 -15.73 -2.72 -17.75
CA GLU A 460 -15.88 -1.27 -17.77
C GLU A 460 -17.00 -0.84 -16.84
N ALA A 461 -18.15 -1.52 -16.94
CA ALA A 461 -19.26 -1.32 -16.03
C ALA A 461 -18.83 -1.46 -14.56
N LEU A 462 -17.95 -2.42 -14.27
CA LEU A 462 -17.47 -2.59 -12.91
C LEU A 462 -16.52 -1.48 -12.49
N SER A 463 -15.60 -1.09 -13.39
CA SER A 463 -14.66 -0.03 -13.07
C SER A 463 -15.37 1.29 -12.81
N ARG A 464 -16.34 1.64 -13.66
CA ARG A 464 -17.12 2.85 -13.43
C ARG A 464 -17.90 2.75 -12.13
N ARG A 465 -18.52 1.59 -11.89
CA ARG A 465 -19.20 1.36 -10.61
C ARG A 465 -18.25 1.56 -9.43
N ILE A 466 -17.01 1.08 -9.55
CA ILE A 466 -16.07 1.18 -8.43
C ILE A 466 -15.51 2.59 -8.31
N MET A 467 -15.05 3.17 -9.43
CA MET A 467 -14.54 4.54 -9.40
C MET A 467 -15.55 5.51 -8.82
N HIS A 468 -16.84 5.27 -9.06
CA HIS A 468 -17.83 6.18 -8.49
C HIS A 468 -17.96 5.97 -6.98
N TYR A 469 -17.97 4.72 -6.52
CA TYR A 469 -17.98 4.47 -5.08
C TYR A 469 -16.84 5.19 -4.39
N TRP A 470 -15.63 5.07 -4.95
CA TRP A 470 -14.45 5.70 -4.34
C TRP A 470 -14.60 7.22 -4.30
N ALA A 471 -14.86 7.84 -5.45
CA ALA A 471 -14.92 9.29 -5.53
C ALA A 471 -16.08 9.84 -4.68
N THR A 472 -17.28 9.30 -4.87
CA THR A 472 -18.42 9.70 -4.03
C THR A 472 -18.12 9.50 -2.55
N PHE A 473 -17.34 8.47 -2.19
CA PHE A 473 -16.95 8.35 -0.79
C PHE A 473 -15.98 9.46 -0.39
N ALA A 474 -14.96 9.71 -1.22
CA ALA A 474 -14.00 10.75 -0.90
C ALA A 474 -14.68 12.10 -0.75
N LYS A 475 -15.72 12.34 -1.54
CA LYS A 475 -16.43 13.62 -1.55
C LYS A 475 -17.34 13.79 -0.34
N THR A 476 -17.96 12.71 0.15
CA THR A 476 -19.04 12.81 1.12
C THR A 476 -18.87 11.94 2.37
N GLY A 477 -18.10 10.86 2.30
CA GLY A 477 -18.06 9.87 3.37
C GLY A 477 -19.11 8.78 3.25
N ASN A 478 -19.63 8.57 2.07
CA ASN A 478 -20.59 7.52 1.74
C ASN A 478 -20.44 7.22 0.26
N PRO A 479 -20.09 5.98 -0.13
CA PRO A 479 -19.95 5.67 -1.56
C PRO A 479 -21.27 5.70 -2.31
N ASN A 480 -22.39 5.65 -1.59
CA ASN A 480 -23.71 5.61 -2.19
C ASN A 480 -24.15 7.00 -2.65
N GLU A 481 -24.72 7.05 -3.84
CA GLU A 481 -25.38 8.28 -4.28
C GLU A 481 -26.66 8.47 -3.49
N PRO A 482 -26.91 9.66 -2.94
CA PRO A 482 -28.20 9.91 -2.30
C PRO A 482 -29.28 9.96 -3.37
N HIS A 483 -30.42 9.33 -3.07
CA HIS A 483 -31.47 9.10 -4.06
C HIS A 483 -30.87 8.44 -5.31
N SER A 484 -30.59 7.14 -5.17
CA SER A 484 -29.99 6.33 -6.22
C SER A 484 -30.78 5.04 -6.37
N GLN A 485 -30.63 4.40 -7.53
CA GLN A 485 -31.44 3.25 -7.90
C GLN A 485 -30.79 1.90 -7.63
N GLU A 486 -29.46 1.84 -7.57
CA GLU A 486 -28.78 0.60 -7.29
C GLU A 486 -28.95 0.22 -5.82
N SER A 487 -28.60 -1.03 -5.51
CA SER A 487 -28.63 -1.50 -4.13
C SER A 487 -27.60 -0.73 -3.31
N LYS A 488 -27.93 -0.46 -2.05
CA LYS A 488 -27.08 0.36 -1.19
C LYS A 488 -26.04 -0.50 -0.50
N TRP A 489 -24.76 -0.13 -0.65
CA TRP A 489 -23.61 -0.67 0.08
C TRP A 489 -23.78 -0.32 1.56
N PRO A 490 -24.17 -1.25 2.37
CA PRO A 490 -24.42 -0.96 3.76
C PRO A 490 -23.23 -0.63 4.56
N LEU A 491 -23.43 0.13 5.61
CA LEU A 491 -22.38 0.52 6.52
C LEU A 491 -22.02 -0.69 7.30
N PHE A 492 -20.81 -0.70 7.82
CA PHE A 492 -20.32 -1.81 8.58
C PHE A 492 -20.50 -1.44 10.01
N THR A 493 -21.20 -2.26 10.73
CA THR A 493 -21.46 -2.04 12.15
C THR A 493 -20.95 -3.22 12.96
N THR A 494 -20.57 -2.95 14.21
CA THR A 494 -20.12 -4.03 15.08
C THR A 494 -21.22 -5.08 15.27
N LYS A 495 -22.48 -4.66 15.26
CA LYS A 495 -23.58 -5.59 15.43
C LYS A 495 -23.71 -6.53 14.23
N GLU A 496 -23.92 -5.98 13.03
CA GLU A 496 -24.29 -6.79 11.88
C GLU A 496 -23.12 -7.13 10.95
N GLN A 497 -22.08 -6.30 10.90
CA GLN A 497 -20.80 -6.63 10.25
C GLN A 497 -20.96 -6.90 8.75
N LYS A 498 -21.88 -6.18 8.10
CA LYS A 498 -22.13 -6.42 6.70
C LYS A 498 -20.95 -5.95 5.85
N PHE A 499 -20.90 -6.44 4.62
CA PHE A 499 -19.96 -5.97 3.61
C PHE A 499 -20.52 -6.38 2.25
N ILE A 500 -19.89 -5.87 1.19
CA ILE A 500 -20.40 -6.15 -0.16
C ILE A 500 -19.33 -6.81 -1.03
N ASP A 501 -19.82 -7.40 -2.14
CA ASP A 501 -19.01 -7.96 -3.21
C ASP A 501 -18.70 -6.91 -4.27
N LEU A 502 -17.52 -6.98 -4.84
CA LEU A 502 -17.14 -6.16 -5.99
C LEU A 502 -16.77 -7.08 -7.15
N ASN A 503 -17.71 -7.25 -8.08
CA ASN A 503 -17.55 -8.12 -9.23
C ASN A 503 -18.60 -7.74 -10.26
N THR A 504 -18.57 -8.41 -11.40
CA THR A 504 -19.51 -8.10 -12.47
C THR A 504 -20.92 -8.63 -12.17
N GLU A 505 -21.09 -9.51 -11.19
CA GLU A 505 -22.41 -10.01 -10.83
C GLU A 505 -23.16 -8.98 -9.98
N PRO A 506 -24.50 -9.04 -9.95
CA PRO A 506 -25.26 -8.05 -9.19
C PRO A 506 -24.82 -8.04 -7.73
N MET A 507 -24.74 -6.84 -7.15
CA MET A 507 -24.16 -6.68 -5.83
C MET A 507 -24.85 -7.57 -4.82
N LYS A 508 -24.05 -8.13 -3.90
CA LYS A 508 -24.56 -8.99 -2.85
C LYS A 508 -23.89 -8.61 -1.54
N VAL A 509 -24.61 -8.83 -0.45
CA VAL A 509 -24.19 -8.41 0.88
C VAL A 509 -24.05 -9.65 1.77
N HIS A 510 -22.88 -9.81 2.37
CA HIS A 510 -22.63 -10.86 3.34
C HIS A 510 -22.18 -10.22 4.64
N GLN A 511 -21.87 -11.06 5.62
CA GLN A 511 -21.45 -10.54 6.91
C GLN A 511 -20.33 -11.39 7.49
N ARG A 512 -19.66 -10.82 8.48
CA ARG A 512 -18.62 -11.49 9.26
C ARG A 512 -17.59 -12.16 8.34
N LEU A 513 -17.05 -11.35 7.44
CA LEU A 513 -16.11 -11.80 6.42
C LEU A 513 -14.97 -12.59 7.04
N ARG A 514 -14.87 -13.84 6.62
CA ARG A 514 -13.84 -14.80 7.03
C ARG A 514 -13.57 -14.74 8.52
N VAL A 515 -14.64 -14.72 9.30
CA VAL A 515 -14.49 -14.58 10.75
C VAL A 515 -13.91 -15.84 11.34
N GLN A 516 -14.37 -17.00 10.84
CA GLN A 516 -13.91 -18.30 11.32
C GLN A 516 -12.39 -18.35 11.39
N MET A 517 -11.73 -18.10 10.26
CA MET A 517 -10.29 -18.11 10.25
C MET A 517 -9.70 -16.91 10.99
N CYS A 518 -10.39 -15.77 10.98
CA CYS A 518 -9.81 -14.58 11.59
C CYS A 518 -9.87 -14.64 13.10
N VAL A 519 -10.83 -15.38 13.67
CA VAL A 519 -10.76 -15.68 15.10
C VAL A 519 -9.45 -16.40 15.40
N PHE A 520 -9.09 -17.36 14.55
CA PHE A 520 -7.88 -18.14 14.78
C PHE A 520 -6.63 -17.26 14.73
N TRP A 521 -6.56 -16.36 13.74
CA TRP A 521 -5.33 -15.58 13.58
C TRP A 521 -5.24 -14.44 14.58
N ASN A 522 -6.35 -13.80 14.90
CA ASN A 522 -6.32 -12.61 15.73
C ASN A 522 -6.38 -12.92 17.22
N GLN A 523 -6.91 -14.08 17.62
CA GLN A 523 -7.14 -14.33 19.04
C GLN A 523 -6.57 -15.65 19.53
N PHE A 524 -6.59 -16.70 18.71
CA PHE A 524 -6.11 -17.99 19.22
C PHE A 524 -4.60 -18.16 19.07
N LEU A 525 -4.08 -18.06 17.84
CA LEU A 525 -2.65 -18.25 17.64
C LEU A 525 -1.78 -17.30 18.47
N PRO A 526 -2.12 -16.01 18.63
CA PRO A 526 -1.30 -15.16 19.51
C PRO A 526 -1.29 -15.64 20.94
N LYS A 527 -2.45 -16.06 21.47
CA LYS A 527 -2.50 -16.63 22.80
C LYS A 527 -1.63 -17.88 22.88
N LEU A 528 -1.71 -18.76 21.88
CA LEU A 528 -0.92 -20.00 21.88
C LEU A 528 0.57 -19.71 21.91
N LEU A 529 1.04 -18.79 21.06
CA LEU A 529 2.47 -18.51 21.00
C LEU A 529 2.97 -17.84 22.27
N ASN A 530 2.20 -16.90 22.86
CA ASN A 530 2.56 -16.25 24.11
C ASN A 530 2.70 -17.23 25.28
N ALA A 531 2.13 -18.43 25.19
CA ALA A 531 2.01 -19.34 26.31
C ALA A 531 3.25 -20.21 26.55
N THR A 532 4.31 -20.03 25.74
CA THR A 532 5.46 -20.96 25.61
C THR A 532 5.04 -22.15 24.75
C10 N9T B . 6.20 -9.59 -3.96
C13 N9T B . 4.14 -9.64 -5.98
C15 N9T B . 6.30 -8.90 -5.29
C17 N9T B . 2.97 -6.10 -6.49
C20 N9T B . 1.60 -4.23 -5.02
C21 N9T B . 0.99 -5.40 -5.38
C22 N9T B . 1.68 -6.31 -6.12
C24 N9T B . 12.58 -11.10 -3.30
C01 N9T B . 16.61 -11.83 -3.13
C02 N9T B . 14.44 -11.92 -2.11
C03 N9T B . 13.64 -12.18 -1.00
C04 N9T B . 15.18 -13.55 0.19
C05 N9T B . 12.31 -11.90 -1.06
C06 N9T B . 11.64 -11.38 -2.09
C07 N9T B . 10.23 -10.94 -2.53
C08 N9T B . 10.01 -10.43 -3.79
C09 N9T B . 7.54 -10.06 -3.45
C11 N9T B . 5.34 -10.77 -4.16
C12 N9T B . 3.98 -10.39 -4.68
C14 N9T B . 4.94 -8.39 -5.69
C16 N9T B . 3.69 -7.17 -7.31
C18 N9T B . 3.58 -4.94 -6.14
C19 N9T B . 2.89 -4.00 -5.41
C23 N9T B . 10.99 -10.28 -4.66
C25 N9T B . 13.90 -11.37 -3.26
N01 N9T B . 8.72 -10.00 -4.24
N02 N9T B . 5.01 -7.53 -6.83
O01 N9T B . 15.80 -12.19 -2.05
O02 N9T B . 14.09 -12.71 0.18
O03 N9T B . 7.59 -10.46 -2.38
O04 N9T B . 10.75 -9.75 -5.90
O05 N9T B . 12.11 -10.59 -4.40
C1 NAG C . 10.60 19.98 -20.16
C2 NAG C . 10.63 20.71 -21.51
C3 NAG C . 10.45 19.70 -22.66
C4 NAG C . 11.55 18.63 -22.60
C5 NAG C . 11.46 17.90 -21.26
C6 NAG C . 12.49 16.80 -21.07
C7 NAG C . 9.83 23.01 -21.14
C8 NAG C . 8.68 23.96 -21.33
N2 NAG C . 9.63 21.76 -21.60
O3 NAG C . 10.44 20.37 -23.93
O4 NAG C . 11.44 17.70 -23.67
O5 NAG C . 11.61 18.85 -20.17
O6 NAG C . 13.82 17.21 -21.39
O7 NAG C . 10.88 23.36 -20.60
C1 NAG D . -20.64 10.47 12.42
C2 NAG D . -21.85 9.66 12.86
C3 NAG D . -23.11 10.47 12.91
C4 NAG D . -22.88 11.70 13.75
C5 NAG D . -21.74 12.48 13.16
C6 NAG D . -21.56 13.65 14.08
C7 NAG D . -21.64 7.39 12.24
C8 NAG D . -21.62 6.46 11.10
N2 NAG D . -22.09 8.58 11.97
O3 NAG D . -24.10 9.72 13.59
O4 NAG D . -24.05 12.53 13.80
O5 NAG D . -20.58 11.67 13.18
O6 NAG D . -20.96 14.65 13.29
O7 NAG D . -21.28 7.06 13.33
#